data_4Y3T
#
_entry.id   4Y3T
#
_cell.length_a   45.320
_cell.length_b   72.924
_cell.length_c   52.594
_cell.angle_alpha   90.00
_cell.angle_beta   109.35
_cell.angle_gamma   90.00
#
_symmetry.space_group_name_H-M   'P 1 21 1'
#
loop_
_entity.id
_entity.type
_entity.pdbx_description
1 polymer Endothiapepsin
2 non-polymer GLYCEROL
3 non-polymer 'ACETATE ION'
4 non-polymer 'DIMETHYL SULFOXIDE'
5 non-polymer (3R)-piperidin-3-yl(piperidin-1-yl)methanone
6 non-polymer (3S)-piperidin-3-yl(piperidin-1-yl)methanone
7 water water
#
_entity_poly.entity_id   1
_entity_poly.type   'polypeptide(L)'
_entity_poly.pdbx_seq_one_letter_code
;STGSATTTPIDSLDDAYITPVQIGTPAQTLNLDFDTGSSDLWVFSSETTASEVDGQTIYTPSKSTTAKLLSGATWSISYG
DGSSSSGDVYTDTVSVGGLTVTGQAVESAKKVSSSFTEDSTIDGLLGLAFSTLNTVSPTQQKTFFDNAKASLDSPVFTAD
LGYHAPGTYNFGFIDTTAYTGSITYTAVSTKQGFWEWTSTGYAVGSGTFKSTSIDGIADTGTTLLYLPATVVSAYWAQVS
GAKSSSSVGGYVFPCSATLPSFTFGVGSARIVIPGDYIDFGPISTGSSSCFGGIQSSAGIGINIFGDVALKAAFVVFNGA
TTPTLGFASK
;
_entity_poly.pdbx_strand_id   A
#
loop_
_chem_comp.id
_chem_comp.type
_chem_comp.name
_chem_comp.formula
46H non-polymer (3S)-piperidin-3-yl(piperidin-1-yl)methanone 'C11 H20 N2 O'
46J non-polymer (3R)-piperidin-3-yl(piperidin-1-yl)methanone 'C11 H20 N2 O'
ACT non-polymer 'ACETATE ION' 'C2 H3 O2 -1'
DMS non-polymer 'DIMETHYL SULFOXIDE' 'C2 H6 O S'
GOL non-polymer GLYCEROL 'C3 H8 O3'
#
# COMPACT_ATOMS: atom_id res chain seq x y z
N SER A 1 -11.79 15.36 14.54
CA SER A 1 -11.29 14.04 15.02
CA SER A 1 -11.23 14.09 15.09
C SER A 1 -9.96 13.68 14.36
N THR A 2 -9.27 12.71 14.96
CA THR A 2 -8.07 12.14 14.37
C THR A 2 -8.03 10.67 14.71
N GLY A 3 -7.16 9.94 14.02
CA GLY A 3 -6.85 8.58 14.38
C GLY A 3 -5.36 8.32 14.17
N SER A 4 -4.82 7.33 14.86
CA SER A 4 -3.42 6.97 14.76
C SER A 4 -3.26 5.50 15.07
N ALA A 5 -2.74 4.74 14.11
CA ALA A 5 -2.58 3.31 14.29
C ALA A 5 -1.20 2.86 13.81
N THR A 6 -0.65 1.88 14.51
CA THR A 6 0.63 1.32 14.13
C THR A 6 0.42 0.28 13.05
N THR A 7 1.32 0.30 12.07
CA THR A 7 1.34 -0.67 11.00
C THR A 7 2.63 -1.49 11.09
N THR A 8 2.52 -2.81 10.89
CA THR A 8 3.60 -3.75 11.21
C THR A 8 3.87 -4.63 10.00
N PRO A 9 5.15 -4.79 9.62
CA PRO A 9 5.43 -5.72 8.53
C PRO A 9 4.97 -7.15 8.81
N ILE A 10 4.49 -7.84 7.79
CA ILE A 10 4.00 -9.21 7.98
C ILE A 10 5.10 -10.25 8.06
N ASP A 11 6.30 -9.90 7.62
CA ASP A 11 7.40 -10.84 7.57
C ASP A 11 8.73 -10.08 7.54
N SER A 12 9.83 -10.82 7.46
CA SER A 12 11.16 -10.23 7.60
C SER A 12 11.61 -9.42 6.37
N LEU A 13 10.82 -9.48 5.28
CA LEU A 13 11.14 -8.80 4.04
C LEU A 13 10.31 -7.54 3.81
N ASP A 14 9.42 -7.23 4.75
CA ASP A 14 8.44 -6.15 4.56
C ASP A 14 7.58 -6.42 3.31
N ASP A 15 7.13 -7.64 3.11
CA ASP A 15 6.32 -7.94 1.93
C ASP A 15 4.98 -7.19 1.91
N ALA A 16 4.48 -6.88 3.10
CA ALA A 16 3.28 -6.08 3.26
C ALA A 16 3.22 -5.66 4.70
N TYR A 17 2.28 -4.78 5.00
CA TYR A 17 2.10 -4.25 6.34
C TYR A 17 0.64 -4.43 6.77
N ILE A 18 0.44 -4.76 8.03
CA ILE A 18 -0.91 -4.92 8.58
C ILE A 18 -1.16 -3.94 9.72
N THR A 19 -2.39 -3.46 9.76
CA THR A 19 -2.84 -2.46 10.71
C THR A 19 -4.13 -2.96 11.35
N PRO A 20 -4.20 -2.95 12.70
CA PRO A 20 -5.42 -3.43 13.36
C PRO A 20 -6.60 -2.49 13.13
N VAL A 21 -7.77 -3.06 12.86
CA VAL A 21 -8.97 -2.31 12.57
C VAL A 21 -10.10 -2.94 13.36
N GLN A 22 -10.87 -2.10 14.05
CA GLN A 22 -12.01 -2.56 14.84
C GLN A 22 -13.28 -2.48 14.00
N ILE A 23 -14.00 -3.60 13.88
CA ILE A 23 -15.22 -3.66 13.09
C ILE A 23 -16.35 -4.21 13.95
N GLY A 24 -17.48 -3.50 13.97
CA GLY A 24 -18.67 -4.02 14.63
C GLY A 24 -18.77 -3.72 16.11
N THR A 25 -19.87 -4.21 16.68
CA THR A 25 -20.17 -4.01 18.09
C THR A 25 -20.67 -5.32 18.71
N PRO A 26 -19.95 -5.86 19.72
CA PRO A 26 -18.65 -5.43 20.24
C PRO A 26 -17.60 -5.54 19.15
N ALA A 27 -16.49 -4.84 19.36
CA ALA A 27 -15.45 -4.77 18.33
C ALA A 27 -14.92 -6.16 17.98
N GLN A 28 -14.73 -6.37 16.69
CA GLN A 28 -13.95 -7.49 16.17
C GLN A 28 -12.73 -6.88 15.53
N THR A 29 -11.54 -7.22 16.02
CA THR A 29 -10.32 -6.65 15.49
C THR A 29 -9.72 -7.55 14.45
N LEU A 30 -9.60 -7.01 13.24
CA LEU A 30 -8.95 -7.68 12.13
C LEU A 30 -7.71 -6.88 11.71
N ASN A 31 -6.71 -7.60 11.23
CA ASN A 31 -5.49 -6.96 10.75
C ASN A 31 -5.54 -6.78 9.24
N LEU A 32 -5.69 -5.54 8.79
CA LEU A 32 -5.93 -5.25 7.38
C LEU A 32 -4.71 -4.63 6.72
N ASP A 33 -4.62 -4.86 5.41
CA ASP A 33 -3.58 -4.31 4.57
C ASP A 33 -4.09 -2.98 4.01
N PHE A 34 -3.57 -1.85 4.52
CA PHE A 34 -3.99 -0.53 4.07
C PHE A 34 -3.38 -0.28 2.70
N ASP A 35 -4.24 -0.04 1.73
CA ASP A 35 -3.86 -0.07 0.31
C ASP A 35 -4.27 1.21 -0.39
N THR A 36 -3.32 2.14 -0.55
CA THR A 36 -3.62 3.38 -1.26
C THR A 36 -3.77 3.20 -2.78
N GLY A 37 -3.64 1.96 -3.25
CA GLY A 37 -3.86 1.61 -4.65
C GLY A 37 -5.19 0.93 -4.97
N SER A 38 -6.09 0.83 -4.00
CA SER A 38 -7.43 0.31 -4.27
C SER A 38 -8.42 0.97 -3.30
N SER A 39 -9.70 0.65 -3.47
CA SER A 39 -10.75 1.43 -2.83
C SER A 39 -11.87 0.59 -2.23
N ASP A 40 -11.56 -0.67 -1.93
CA ASP A 40 -12.51 -1.58 -1.29
C ASP A 40 -11.97 -1.95 0.08
N LEU A 41 -12.84 -1.91 1.08
CA LEU A 41 -12.53 -2.43 2.40
C LEU A 41 -13.21 -3.78 2.45
N TRP A 42 -12.43 -4.86 2.32
CA TRP A 42 -12.99 -6.20 2.33
C TRP A 42 -12.28 -7.06 3.35
N VAL A 43 -13.03 -8.03 3.89
CA VAL A 43 -12.53 -8.88 4.96
C VAL A 43 -12.87 -10.34 4.77
N PHE A 44 -11.95 -11.19 5.25
CA PHE A 44 -12.29 -12.58 5.52
C PHE A 44 -13.45 -12.58 6.52
N SER A 45 -14.40 -13.49 6.34
CA SER A 45 -15.62 -13.47 7.14
C SER A 45 -16.18 -14.86 7.38
N SER A 46 -17.24 -14.90 8.17
CA SER A 46 -18.00 -16.13 8.36
C SER A 46 -18.65 -16.65 7.07
N GLU A 47 -18.64 -15.85 6.01
CA GLU A 47 -19.21 -16.23 4.72
C GLU A 47 -18.15 -16.75 3.75
N THR A 48 -16.88 -16.62 4.12
CA THR A 48 -15.81 -17.04 3.22
C THR A 48 -15.75 -18.56 3.12
N THR A 49 -15.74 -19.06 1.89
CA THR A 49 -15.58 -20.48 1.60
C THR A 49 -14.55 -21.10 2.54
N ALA A 50 -14.95 -22.11 3.31
CA ALA A 50 -14.13 -22.63 4.40
C ALA A 50 -12.75 -23.07 3.93
N SER A 51 -12.70 -23.73 2.78
CA SER A 51 -11.45 -24.24 2.26
C SER A 51 -10.48 -23.13 1.85
N GLU A 52 -10.97 -21.89 1.82
CA GLU A 52 -10.17 -20.74 1.40
C GLU A 52 -9.69 -19.89 2.57
N VAL A 53 -10.01 -20.34 3.78
CA VAL A 53 -9.56 -19.70 5.01
C VAL A 53 -8.50 -20.59 5.66
N ASP A 54 -7.34 -20.02 5.96
CA ASP A 54 -6.24 -20.77 6.55
C ASP A 54 -5.49 -19.89 7.55
N GLY A 55 -6.11 -19.70 8.71
CA GLY A 55 -5.50 -18.99 9.81
C GLY A 55 -5.89 -17.52 9.98
N GLN A 56 -6.61 -16.95 9.01
CA GLN A 56 -7.05 -15.57 9.14
C GLN A 56 -8.10 -15.41 10.24
N THR A 57 -8.16 -14.22 10.82
CA THR A 57 -9.26 -13.82 11.68
C THR A 57 -10.40 -13.36 10.80
N ILE A 58 -11.60 -13.81 11.13
CA ILE A 58 -12.78 -13.51 10.33
C ILE A 58 -13.72 -12.56 11.03
N TYR A 59 -14.40 -11.74 10.22
CA TYR A 59 -15.48 -10.91 10.65
C TYR A 59 -16.77 -11.71 10.58
N THR A 60 -17.52 -11.72 11.68
CA THR A 60 -18.80 -12.40 11.73
C THR A 60 -19.92 -11.39 11.93
N PRO A 61 -20.60 -11.00 10.83
CA PRO A 61 -21.58 -9.91 11.01
C PRO A 61 -22.75 -10.26 11.93
N SER A 62 -23.12 -11.55 12.01
CA SER A 62 -24.22 -11.96 12.88
C SER A 62 -23.92 -11.73 14.36
N LYS A 63 -22.65 -11.54 14.71
CA LYS A 63 -22.24 -11.26 16.08
C LYS A 63 -22.11 -9.77 16.38
N SER A 64 -22.36 -8.93 15.38
CA SER A 64 -22.29 -7.48 15.53
C SER A 64 -23.67 -6.85 15.57
N THR A 65 -23.97 -6.14 16.64
CA THR A 65 -25.30 -5.56 16.80
C THR A 65 -25.53 -4.36 15.89
N THR A 66 -24.46 -3.84 15.30
CA THR A 66 -24.52 -2.68 14.41
C THR A 66 -24.38 -3.08 12.93
N ALA A 67 -24.20 -4.36 12.65
CA ALA A 67 -24.09 -4.81 11.25
C ALA A 67 -25.46 -4.83 10.59
N LYS A 68 -25.49 -4.40 9.33
CA LYS A 68 -26.70 -4.43 8.51
CA LYS A 68 -26.71 -4.49 8.53
C LYS A 68 -26.34 -4.89 7.11
N LEU A 69 -27.02 -5.89 6.60
CA LEU A 69 -26.84 -6.28 5.21
C LEU A 69 -27.14 -5.10 4.31
N LEU A 70 -26.23 -4.80 3.38
CA LEU A 70 -26.52 -3.83 2.34
C LEU A 70 -27.19 -4.61 1.21
N SER A 71 -28.52 -4.62 1.23
CA SER A 71 -29.26 -5.57 0.44
C SER A 71 -29.04 -5.43 -1.05
N GLY A 72 -28.68 -6.55 -1.70
CA GLY A 72 -28.47 -6.57 -3.14
C GLY A 72 -27.08 -6.19 -3.60
N ALA A 73 -26.25 -5.67 -2.71
CA ALA A 73 -24.92 -5.22 -3.09
C ALA A 73 -23.94 -6.38 -3.17
N THR A 74 -23.15 -6.39 -4.24
CA THR A 74 -22.07 -7.36 -4.38
C THR A 74 -20.81 -6.64 -4.78
N TRP A 75 -19.67 -7.33 -4.66
CA TRP A 75 -18.40 -6.77 -5.05
C TRP A 75 -17.50 -7.87 -5.62
N SER A 76 -16.57 -7.44 -6.43
CA SER A 76 -15.62 -8.35 -7.06
C SER A 76 -14.44 -7.53 -7.54
N ILE A 77 -13.24 -7.94 -7.13
CA ILE A 77 -12.04 -7.19 -7.43
C ILE A 77 -10.94 -8.12 -7.90
N SER A 78 -10.18 -7.63 -8.88
CA SER A 78 -9.02 -8.31 -9.44
C SER A 78 -7.86 -7.34 -9.34
N TYR A 79 -6.79 -7.76 -8.69
CA TYR A 79 -5.63 -6.93 -8.46
C TYR A 79 -4.52 -7.20 -9.48
N GLY A 80 -3.56 -6.28 -9.55
CA GLY A 80 -2.51 -6.31 -10.55
C GLY A 80 -1.51 -7.44 -10.42
N ASP A 81 -1.57 -8.18 -9.32
CA ASP A 81 -0.71 -9.35 -9.16
C ASP A 81 -1.44 -10.62 -9.54
N GLY A 82 -2.67 -10.48 -10.02
CA GLY A 82 -3.47 -11.63 -10.42
C GLY A 82 -4.36 -12.18 -9.32
N SER A 83 -4.29 -11.61 -8.13
CA SER A 83 -5.14 -12.08 -7.04
C SER A 83 -6.54 -11.46 -7.15
N SER A 84 -7.50 -12.03 -6.42
CA SER A 84 -8.88 -11.57 -6.50
C SER A 84 -9.70 -12.00 -5.29
N SER A 85 -10.86 -11.37 -5.13
CA SER A 85 -11.80 -11.73 -4.09
C SER A 85 -13.16 -11.15 -4.46
N SER A 86 -14.23 -11.66 -3.86
CA SER A 86 -15.59 -11.20 -4.15
C SER A 86 -16.54 -11.62 -3.06
N GLY A 87 -17.69 -10.98 -2.99
CA GLY A 87 -18.67 -11.35 -1.99
C GLY A 87 -19.84 -10.39 -1.94
N ASP A 88 -20.41 -10.24 -0.75
CA ASP A 88 -21.53 -9.33 -0.53
C ASP A 88 -21.10 -8.26 0.48
N VAL A 89 -22.05 -7.46 0.97
CA VAL A 89 -21.68 -6.23 1.68
C VAL A 89 -22.57 -5.97 2.88
N TYR A 90 -21.94 -5.56 3.98
CA TYR A 90 -22.63 -5.10 5.18
C TYR A 90 -22.21 -3.66 5.41
N THR A 91 -23.03 -2.91 6.13
CA THR A 91 -22.55 -1.67 6.73
C THR A 91 -22.34 -1.94 8.20
N ASP A 92 -21.30 -1.33 8.77
CA ASP A 92 -21.03 -1.49 10.19
C ASP A 92 -20.12 -0.34 10.64
N THR A 93 -19.90 -0.27 11.95
CA THR A 93 -19.01 0.69 12.56
C THR A 93 -17.58 0.19 12.45
N VAL A 94 -16.71 1.05 11.91
CA VAL A 94 -15.31 0.71 11.70
C VAL A 94 -14.47 1.79 12.35
N SER A 95 -13.50 1.37 13.17
CA SER A 95 -12.59 2.31 13.82
C SER A 95 -11.15 1.95 13.53
N VAL A 96 -10.35 2.99 13.28
CA VAL A 96 -8.92 2.84 13.04
C VAL A 96 -8.21 3.79 13.97
N GLY A 97 -7.44 3.25 14.90
CA GLY A 97 -6.61 4.09 15.73
C GLY A 97 -7.38 5.15 16.50
N GLY A 98 -8.59 4.82 16.95
CA GLY A 98 -9.40 5.77 17.66
C GLY A 98 -10.40 6.59 16.85
N LEU A 99 -10.29 6.53 15.53
CA LEU A 99 -11.17 7.26 14.61
C LEU A 99 -12.27 6.35 14.15
N THR A 100 -13.52 6.76 14.33
CA THR A 100 -14.68 5.92 14.08
C THR A 100 -15.53 6.45 12.94
N VAL A 101 -15.87 5.54 12.03
CA VAL A 101 -16.85 5.79 10.98
C VAL A 101 -18.03 4.87 11.19
N THR A 102 -19.23 5.43 11.27
CA THR A 102 -20.44 4.62 11.28
C THR A 102 -20.95 4.46 9.85
N GLY A 103 -21.60 3.34 9.58
CA GLY A 103 -22.17 3.09 8.27
C GLY A 103 -21.15 2.82 7.18
N GLN A 104 -19.96 2.38 7.55
CA GLN A 104 -18.93 2.02 6.58
C GLN A 104 -19.31 0.73 5.85
N ALA A 105 -19.14 0.72 4.54
CA ALA A 105 -19.30 -0.52 3.77
C ALA A 105 -18.13 -1.46 4.08
N VAL A 106 -18.48 -2.62 4.62
CA VAL A 106 -17.55 -3.70 4.93
C VAL A 106 -17.91 -4.85 3.99
N GLU A 107 -17.00 -5.11 3.07
CA GLU A 107 -17.23 -6.05 2.01
C GLU A 107 -16.79 -7.42 2.48
N SER A 108 -17.76 -8.31 2.62
CA SER A 108 -17.54 -9.65 3.17
C SER A 108 -17.19 -10.61 2.06
N ALA A 109 -16.03 -11.24 2.16
CA ALA A 109 -15.59 -12.16 1.11
C ALA A 109 -16.32 -13.50 1.17
N LYS A 110 -16.88 -13.89 0.04
CA LYS A 110 -17.36 -15.26 -0.12
C LYS A 110 -16.26 -16.12 -0.75
N LYS A 111 -15.44 -15.50 -1.59
CA LYS A 111 -14.37 -16.20 -2.29
C LYS A 111 -13.12 -15.33 -2.25
N VAL A 112 -11.96 -15.97 -2.06
CA VAL A 112 -10.67 -15.30 -2.19
C VAL A 112 -9.74 -16.19 -2.98
N SER A 113 -8.79 -15.60 -3.69
CA SER A 113 -7.84 -16.40 -4.46
C SER A 113 -6.74 -16.95 -3.57
N SER A 114 -5.96 -17.86 -4.13
CA SER A 114 -5.02 -18.62 -3.35
C SER A 114 -3.98 -17.78 -2.60
N SER A 115 -3.53 -16.68 -3.20
N SER A 115 -3.54 -16.68 -3.22
CA SER A 115 -2.51 -15.87 -2.55
CA SER A 115 -2.54 -15.81 -2.61
C SER A 115 -3.03 -15.23 -1.27
C SER A 115 -3.04 -15.26 -1.27
N PHE A 116 -4.34 -14.97 -1.20
CA PHE A 116 -4.93 -14.46 0.03
C PHE A 116 -5.03 -15.58 1.07
N THR A 117 -5.50 -16.75 0.64
CA THR A 117 -5.60 -17.89 1.55
C THR A 117 -4.25 -18.19 2.20
N GLU A 118 -3.21 -18.13 1.38
CA GLU A 118 -1.87 -18.49 1.79
C GLU A 118 -1.19 -17.48 2.71
N ASP A 119 -1.72 -16.26 2.76
N ASP A 119 -1.73 -16.27 2.78
CA ASP A 119 -1.23 -15.19 3.64
CA ASP A 119 -1.18 -15.28 3.66
C ASP A 119 -2.05 -15.17 4.93
C ASP A 119 -2.03 -15.18 4.92
N SER A 120 -1.66 -15.98 5.92
CA SER A 120 -2.45 -16.09 7.15
CA SER A 120 -2.46 -16.09 7.14
C SER A 120 -2.47 -14.81 7.97
N THR A 121 -1.53 -13.91 7.70
CA THR A 121 -1.40 -12.68 8.49
C THR A 121 -2.27 -11.53 8.02
N ILE A 122 -2.88 -11.65 6.83
CA ILE A 122 -3.69 -10.57 6.27
C ILE A 122 -5.16 -10.97 6.27
N ASP A 123 -5.95 -10.25 7.08
CA ASP A 123 -7.36 -10.57 7.29
C ASP A 123 -8.28 -9.83 6.31
N GLY A 124 -7.68 -9.04 5.44
CA GLY A 124 -8.41 -8.27 4.44
C GLY A 124 -7.65 -7.01 4.06
N LEU A 125 -8.30 -6.18 3.25
CA LEU A 125 -7.71 -4.94 2.74
C LEU A 125 -8.58 -3.76 3.13
N LEU A 126 -7.93 -2.62 3.33
CA LEU A 126 -8.65 -1.36 3.55
C LEU A 126 -8.14 -0.39 2.48
N GLY A 127 -8.99 -0.13 1.50
CA GLY A 127 -8.57 0.70 0.38
C GLY A 127 -8.60 2.18 0.72
N LEU A 128 -7.59 2.88 0.21
CA LEU A 128 -7.39 4.32 0.48
C LEU A 128 -7.10 5.11 -0.81
N ALA A 129 -7.39 4.50 -1.96
CA ALA A 129 -7.42 5.24 -3.21
C ALA A 129 -8.77 5.95 -3.31
N PHE A 130 -9.07 6.51 -4.47
CA PHE A 130 -10.28 7.33 -4.59
C PHE A 130 -11.50 6.43 -4.78
N SER A 131 -12.63 6.87 -4.25
CA SER A 131 -13.82 6.01 -4.17
C SER A 131 -14.37 5.64 -5.55
N THR A 132 -13.97 6.37 -6.58
CA THR A 132 -14.37 6.05 -7.94
C THR A 132 -13.90 4.65 -8.40
N LEU A 133 -12.91 4.07 -7.70
CA LEU A 133 -12.47 2.70 -8.00
C LEU A 133 -13.22 1.61 -7.22
N ASN A 134 -14.07 2.00 -6.28
CA ASN A 134 -14.75 1.02 -5.45
C ASN A 134 -15.61 0.10 -6.32
N THR A 135 -15.57 -1.20 -6.06
CA THR A 135 -16.22 -2.16 -6.96
C THR A 135 -17.65 -2.55 -6.59
N VAL A 136 -18.20 -2.01 -5.50
CA VAL A 136 -19.53 -2.43 -5.08
C VAL A 136 -20.58 -2.04 -6.13
N SER A 137 -21.44 -3.00 -6.44
CA SER A 137 -22.50 -2.84 -7.40
C SER A 137 -23.82 -3.27 -6.75
N PRO A 138 -24.93 -2.59 -7.08
CA PRO A 138 -25.09 -1.53 -8.07
C PRO A 138 -24.87 -0.11 -7.52
N THR A 139 -24.58 0.00 -6.23
CA THR A 139 -24.40 1.28 -5.58
C THR A 139 -22.97 1.38 -5.08
N GLN A 140 -22.14 2.16 -5.77
CA GLN A 140 -20.73 2.27 -5.41
C GLN A 140 -20.61 2.85 -4.01
N GLN A 141 -19.63 2.37 -3.25
CA GLN A 141 -19.46 2.77 -1.85
C GLN A 141 -18.19 3.59 -1.66
N LYS A 142 -18.17 4.34 -0.56
CA LYS A 142 -17.05 5.20 -0.23
C LYS A 142 -16.00 4.52 0.64
N THR A 143 -14.75 4.93 0.46
CA THR A 143 -13.67 4.45 1.32
C THR A 143 -13.83 4.96 2.75
N PHE A 144 -13.13 4.30 3.67
CA PHE A 144 -13.05 4.73 5.06
C PHE A 144 -12.59 6.19 5.16
N PHE A 145 -11.57 6.55 4.40
CA PHE A 145 -11.08 7.93 4.41
C PHE A 145 -12.12 8.92 3.90
N ASP A 146 -12.78 8.55 2.80
N ASP A 146 -12.78 8.60 2.79
CA ASP A 146 -13.81 9.39 2.20
CA ASP A 146 -13.79 9.52 2.29
C ASP A 146 -14.96 9.63 3.17
C ASP A 146 -14.91 9.70 3.31
N ASN A 147 -15.33 8.60 3.93
CA ASN A 147 -16.38 8.71 4.95
C ASN A 147 -15.96 9.54 6.17
N ALA A 148 -14.70 9.39 6.55
CA ALA A 148 -14.16 10.08 7.72
C ALA A 148 -13.85 11.56 7.49
N LYS A 149 -13.61 11.91 6.23
CA LYS A 149 -12.95 13.19 5.88
C LYS A 149 -13.53 14.43 6.51
N ALA A 150 -14.85 14.58 6.47
CA ALA A 150 -15.50 15.78 6.91
C ALA A 150 -15.35 15.97 8.42
N SER A 151 -15.17 14.86 9.14
CA SER A 151 -15.03 14.88 10.59
C SER A 151 -13.59 15.07 11.04
N LEU A 152 -12.64 14.88 10.14
CA LEU A 152 -11.23 15.01 10.48
C LEU A 152 -10.82 16.45 10.73
N ASP A 153 -9.83 16.66 11.60
CA ASP A 153 -9.33 18.00 11.85
C ASP A 153 -8.78 18.63 10.56
N SER A 154 -8.13 17.81 9.74
CA SER A 154 -7.61 18.22 8.42
C SER A 154 -7.86 17.03 7.50
N PRO A 155 -8.20 17.29 6.22
CA PRO A 155 -8.62 16.19 5.34
C PRO A 155 -7.44 15.44 4.72
N VAL A 156 -6.67 14.78 5.59
CA VAL A 156 -5.42 14.14 5.22
C VAL A 156 -5.26 12.82 5.93
N PHE A 157 -4.45 11.95 5.35
CA PHE A 157 -3.88 10.85 6.10
C PHE A 157 -2.41 10.75 5.72
N THR A 158 -1.63 10.15 6.59
CA THR A 158 -0.19 10.00 6.35
C THR A 158 0.24 8.56 6.52
N ALA A 159 1.22 8.19 5.70
CA ALA A 159 1.84 6.88 5.76
C ALA A 159 3.29 7.04 6.14
N ASP A 160 3.68 6.35 7.21
CA ASP A 160 5.04 6.39 7.72
C ASP A 160 5.47 4.94 7.93
N LEU A 161 5.84 4.27 6.84
CA LEU A 161 6.18 2.86 6.87
C LEU A 161 7.62 2.64 7.32
N GLY A 162 7.84 1.60 8.10
CA GLY A 162 9.15 1.26 8.58
C GLY A 162 9.89 0.28 7.70
N TYR A 163 11.21 0.39 7.71
CA TYR A 163 12.10 -0.61 7.13
C TYR A 163 12.40 -1.63 8.21
N HIS A 164 11.90 -2.85 8.00
CA HIS A 164 12.07 -3.95 8.96
C HIS A 164 11.65 -3.51 10.37
N ALA A 165 10.58 -2.73 10.44
CA ALA A 165 10.15 -2.15 11.72
C ALA A 165 8.72 -1.65 11.59
N PRO A 166 8.01 -1.52 12.71
CA PRO A 166 6.68 -0.91 12.64
C PRO A 166 6.72 0.57 12.28
N GLY A 167 5.60 1.05 11.79
CA GLY A 167 5.41 2.45 11.46
C GLY A 167 4.00 2.87 11.80
N THR A 168 3.51 3.90 11.13
CA THR A 168 2.27 4.55 11.55
C THR A 168 1.45 5.05 10.38
N TYR A 169 0.13 4.86 10.50
CA TYR A 169 -0.85 5.57 9.67
C TYR A 169 -1.60 6.53 10.57
N ASN A 170 -1.56 7.81 10.23
CA ASN A 170 -2.34 8.84 10.94
C ASN A 170 -3.43 9.39 10.04
N PHE A 171 -4.55 9.71 10.65
CA PHE A 171 -5.68 10.31 9.97
C PHE A 171 -6.01 11.63 10.60
N GLY A 172 -6.06 12.68 9.80
CA GLY A 172 -6.58 13.96 10.25
C GLY A 172 -5.57 14.96 10.78
N PHE A 173 -4.30 14.57 10.81
CA PHE A 173 -3.24 15.47 11.29
C PHE A 173 -1.90 15.05 10.75
N ILE A 174 -0.97 16.00 10.70
CA ILE A 174 0.40 15.77 10.29
C ILE A 174 1.27 15.85 11.55
N ASP A 175 1.95 14.75 11.87
CA ASP A 175 2.83 14.69 13.04
C ASP A 175 4.18 15.30 12.67
N THR A 176 4.41 16.52 13.12
CA THR A 176 5.62 17.24 12.73
C THR A 176 6.87 16.70 13.40
N THR A 177 6.71 15.76 14.32
CA THR A 177 7.87 15.08 14.93
C THR A 177 8.32 13.84 14.12
N ALA A 178 7.56 13.47 13.09
CA ALA A 178 7.77 12.20 12.42
C ALA A 178 8.63 12.31 11.17
N TYR A 179 9.10 13.51 10.86
CA TYR A 179 9.91 13.69 9.66
C TYR A 179 10.96 14.77 9.91
N THR A 180 11.95 14.83 9.02
CA THR A 180 13.02 15.82 9.11
C THR A 180 12.84 16.82 7.98
N GLY A 181 13.38 18.02 8.13
CA GLY A 181 13.27 19.03 7.08
C GLY A 181 11.83 19.43 6.81
N SER A 182 11.52 19.73 5.56
N SER A 182 11.54 19.74 5.55
CA SER A 182 10.20 20.17 5.18
CA SER A 182 10.22 20.19 5.13
C SER A 182 9.50 19.15 4.28
C SER A 182 9.49 19.10 4.34
N ILE A 183 8.18 19.28 4.17
CA ILE A 183 7.41 18.40 3.30
C ILE A 183 7.27 19.10 1.95
N THR A 184 7.60 18.39 0.87
CA THR A 184 7.42 18.92 -0.48
C THR A 184 6.15 18.32 -1.07
N TYR A 185 5.23 19.20 -1.46
CA TYR A 185 3.98 18.78 -2.05
C TYR A 185 4.02 18.82 -3.56
N THR A 186 3.30 17.90 -4.17
CA THR A 186 3.31 17.72 -5.61
C THR A 186 1.89 17.39 -6.09
N ALA A 187 1.58 17.79 -7.32
CA ALA A 187 0.23 17.62 -7.85
C ALA A 187 -0.15 16.16 -8.04
N VAL A 188 -1.45 15.93 -7.92
CA VAL A 188 -2.06 14.60 -8.08
C VAL A 188 -3.11 14.67 -9.17
N SER A 189 -3.12 13.64 -10.02
CA SER A 189 -4.24 13.41 -10.92
C SER A 189 -5.09 12.28 -10.37
N THR A 190 -6.40 12.51 -10.28
CA THR A 190 -7.32 11.47 -9.86
C THR A 190 -8.02 10.79 -11.04
N LYS A 191 -7.58 11.10 -12.25
CA LYS A 191 -8.24 10.62 -13.46
C LYS A 191 -8.35 9.10 -13.54
N GLN A 192 -7.38 8.37 -12.98
CA GLN A 192 -7.41 6.91 -13.00
C GLN A 192 -7.80 6.33 -11.63
N GLY A 193 -8.20 7.21 -10.71
CA GLY A 193 -8.63 6.81 -9.39
C GLY A 193 -7.53 6.60 -8.37
N PHE A 194 -6.29 6.87 -8.76
CA PHE A 194 -5.13 6.62 -7.92
C PHE A 194 -4.54 7.92 -7.40
N TRP A 195 -3.64 7.80 -6.43
CA TRP A 195 -2.80 8.91 -6.00
C TRP A 195 -1.65 8.98 -6.99
N GLU A 196 -1.94 9.56 -8.16
CA GLU A 196 -1.04 9.56 -9.30
C GLU A 196 -0.33 10.90 -9.38
N TRP A 197 0.99 10.86 -9.50
CA TRP A 197 1.81 12.05 -9.44
C TRP A 197 2.98 11.88 -10.40
N THR A 198 3.82 12.90 -10.54
CA THR A 198 4.95 12.87 -11.47
C THR A 198 6.24 13.20 -10.74
N SER A 199 7.08 12.18 -10.59
CA SER A 199 8.41 12.36 -10.05
C SER A 199 9.24 13.17 -11.05
N THR A 200 10.20 13.94 -10.53
CA THR A 200 11.02 14.81 -11.36
C THR A 200 12.34 14.17 -11.80
N GLY A 201 12.58 12.93 -11.40
CA GLY A 201 13.75 12.22 -11.89
C GLY A 201 14.37 11.26 -10.90
N TYR A 202 15.60 10.82 -11.17
CA TYR A 202 16.22 9.83 -10.33
C TYR A 202 17.74 9.90 -10.37
N ALA A 203 18.35 9.27 -9.38
CA ALA A 203 19.78 9.00 -9.39
C ALA A 203 20.03 7.59 -8.89
N VAL A 204 21.14 6.99 -9.34
CA VAL A 204 21.57 5.68 -8.88
C VAL A 204 22.82 5.85 -8.04
N GLY A 205 22.76 5.41 -6.78
CA GLY A 205 23.91 5.56 -5.90
C GLY A 205 24.38 7.00 -5.82
N SER A 206 25.69 7.22 -5.97
CA SER A 206 26.28 8.55 -5.88
CA SER A 206 26.26 8.55 -5.87
C SER A 206 26.30 9.26 -7.22
N GLY A 207 25.60 8.69 -8.21
CA GLY A 207 25.55 9.23 -9.56
C GLY A 207 24.81 10.55 -9.70
N THR A 208 24.97 11.16 -10.85
CA THR A 208 24.31 12.43 -11.13
C THR A 208 22.80 12.22 -11.27
N PHE A 209 22.04 13.21 -10.85
CA PHE A 209 20.59 13.16 -10.97
C PHE A 209 20.16 13.41 -12.40
N LYS A 210 19.28 12.54 -12.88
CA LYS A 210 18.70 12.62 -14.22
C LYS A 210 17.33 13.26 -14.09
N SER A 211 17.18 14.46 -14.65
N SER A 211 17.18 14.44 -14.68
CA SER A 211 15.89 15.13 -14.68
CA SER A 211 15.91 15.15 -14.67
C SER A 211 15.04 14.52 -15.77
C SER A 211 14.99 14.61 -15.77
N THR A 212 13.91 13.94 -15.36
CA THR A 212 12.99 13.29 -16.28
C THR A 212 11.69 13.03 -15.54
N SER A 213 10.58 13.29 -16.21
CA SER A 213 9.26 13.12 -15.62
C SER A 213 8.86 11.66 -15.60
N ILE A 214 8.52 11.16 -14.40
CA ILE A 214 8.08 9.79 -14.23
C ILE A 214 6.72 9.78 -13.54
N ASP A 215 5.68 9.55 -14.32
CA ASP A 215 4.33 9.49 -13.80
C ASP A 215 4.12 8.15 -13.11
N GLY A 216 3.57 8.14 -11.90
CA GLY A 216 3.32 6.90 -11.22
C GLY A 216 2.38 7.08 -10.06
N ILE A 217 2.09 5.99 -9.35
CA ILE A 217 1.13 6.04 -8.25
C ILE A 217 1.82 5.74 -6.93
N ALA A 218 1.36 6.40 -5.87
CA ALA A 218 1.78 6.09 -4.52
C ALA A 218 0.89 4.97 -4.00
N ASP A 219 1.45 3.77 -3.88
CA ASP A 219 0.67 2.57 -3.59
C ASP A 219 1.25 1.79 -2.42
N THR A 220 0.70 2.01 -1.23
CA THR A 220 1.15 1.30 -0.05
C THR A 220 0.87 -0.20 -0.12
N GLY A 221 -0.02 -0.62 -1.01
CA GLY A 221 -0.38 -2.04 -1.14
C GLY A 221 0.47 -2.82 -2.12
N THR A 222 1.42 -2.14 -2.77
CA THR A 222 2.40 -2.81 -3.63
C THR A 222 3.74 -2.83 -2.90
N THR A 223 4.39 -3.99 -2.90
CA THR A 223 5.61 -4.16 -2.14
C THR A 223 6.81 -3.40 -2.72
N LEU A 224 6.97 -3.51 -4.04
CA LEU A 224 8.18 -3.06 -4.70
C LEU A 224 8.01 -1.73 -5.44
N LEU A 225 9.12 -1.27 -6.01
CA LEU A 225 9.18 -0.03 -6.79
C LEU A 225 9.25 -0.43 -8.26
N TYR A 226 8.22 -0.08 -9.02
CA TYR A 226 8.12 -0.45 -10.43
C TYR A 226 8.24 0.79 -11.29
N LEU A 227 9.30 0.82 -12.10
CA LEU A 227 9.67 2.00 -12.88
C LEU A 227 9.98 1.64 -14.34
N PRO A 228 10.10 2.63 -15.22
CA PRO A 228 10.34 2.31 -16.63
C PRO A 228 11.61 1.48 -16.82
N ALA A 229 11.60 0.66 -17.86
CA ALA A 229 12.68 -0.27 -18.11
C ALA A 229 14.03 0.43 -18.22
N THR A 230 14.04 1.61 -18.81
CA THR A 230 15.27 2.39 -18.93
C THR A 230 15.89 2.68 -17.57
N VAL A 231 15.06 3.13 -16.65
CA VAL A 231 15.48 3.53 -15.31
C VAL A 231 15.99 2.30 -14.54
N VAL A 232 15.20 1.22 -14.62
CA VAL A 232 15.55 -0.01 -13.91
C VAL A 232 16.85 -0.63 -14.43
N SER A 233 17.06 -0.59 -15.75
CA SER A 233 18.29 -1.08 -16.33
C SER A 233 19.49 -0.27 -15.86
N ALA A 234 19.33 1.04 -15.79
CA ALA A 234 20.42 1.90 -15.29
C ALA A 234 20.78 1.58 -13.85
N TYR A 235 19.76 1.28 -13.03
CA TYR A 235 20.02 0.89 -11.65
C TYR A 235 20.81 -0.44 -11.58
N TRP A 236 20.27 -1.48 -12.19
CA TRP A 236 20.87 -2.81 -12.03
C TRP A 236 22.22 -2.94 -12.74
N ALA A 237 22.48 -2.10 -13.74
CA ALA A 237 23.80 -2.05 -14.37
C ALA A 237 24.91 -1.70 -13.39
N GLN A 238 24.56 -1.12 -12.25
CA GLN A 238 25.59 -0.77 -11.24
C GLN A 238 25.85 -1.89 -10.23
N VAL A 239 25.21 -3.04 -10.42
CA VAL A 239 25.37 -4.17 -9.51
C VAL A 239 25.98 -5.33 -10.30
N SER A 240 27.22 -5.70 -9.95
CA SER A 240 27.91 -6.77 -10.66
C SER A 240 27.11 -8.06 -10.60
N GLY A 241 26.86 -8.65 -11.76
CA GLY A 241 26.15 -9.92 -11.84
C GLY A 241 24.63 -9.85 -11.86
N ALA A 242 24.06 -8.65 -11.74
CA ALA A 242 22.61 -8.53 -11.77
C ALA A 242 22.11 -8.75 -13.19
N LYS A 243 20.91 -9.31 -13.29
CA LYS A 243 20.33 -9.62 -14.58
C LYS A 243 18.84 -9.77 -14.44
N SER A 244 18.13 -9.62 -15.54
CA SER A 244 16.70 -9.86 -15.54
C SER A 244 16.49 -11.31 -15.92
N SER A 245 15.75 -12.02 -15.08
CA SER A 245 15.47 -13.44 -15.26
C SER A 245 13.98 -13.64 -15.56
N SER A 246 13.67 -14.14 -16.75
CA SER A 246 12.27 -14.40 -17.08
C SER A 246 11.74 -15.60 -16.29
N SER A 247 12.62 -16.51 -15.91
CA SER A 247 12.17 -17.67 -15.13
C SER A 247 11.81 -17.29 -13.69
N VAL A 248 12.55 -16.35 -13.13
CA VAL A 248 12.24 -15.88 -11.78
C VAL A 248 11.15 -14.82 -11.80
N GLY A 249 11.12 -14.01 -12.86
CA GLY A 249 10.11 -12.98 -13.00
C GLY A 249 10.57 -11.57 -12.70
N GLY A 250 11.86 -11.31 -12.86
CA GLY A 250 12.36 -9.97 -12.70
C GLY A 250 13.86 -9.96 -12.50
N TYR A 251 14.37 -8.80 -12.11
CA TYR A 251 15.77 -8.64 -11.82
C TYR A 251 16.17 -9.37 -10.55
N VAL A 252 17.28 -10.11 -10.67
CA VAL A 252 17.92 -10.79 -9.57
C VAL A 252 19.38 -10.35 -9.51
N PHE A 253 20.01 -10.56 -8.37
CA PHE A 253 21.39 -10.10 -8.18
C PHE A 253 22.08 -11.05 -7.22
N PRO A 254 23.42 -11.08 -7.26
CA PRO A 254 24.14 -11.98 -6.34
C PRO A 254 23.89 -11.56 -4.89
N CYS A 255 23.56 -12.53 -4.04
CA CYS A 255 23.29 -12.20 -2.65
C CYS A 255 24.53 -11.63 -1.95
N SER A 256 25.70 -11.78 -2.56
CA SER A 256 26.94 -11.23 -2.03
C SER A 256 27.12 -9.72 -2.31
N ALA A 257 26.22 -9.14 -3.10
CA ALA A 257 26.34 -7.75 -3.50
C ALA A 257 26.04 -6.76 -2.39
N THR A 258 26.63 -5.58 -2.50
CA THR A 258 26.22 -4.41 -1.75
C THR A 258 25.47 -3.50 -2.71
N LEU A 259 24.19 -3.30 -2.47
CA LEU A 259 23.37 -2.56 -3.41
C LEU A 259 23.55 -1.05 -3.26
N PRO A 260 23.55 -0.32 -4.39
CA PRO A 260 23.55 1.13 -4.32
C PRO A 260 22.18 1.67 -3.91
N SER A 261 22.16 2.89 -3.38
CA SER A 261 20.91 3.57 -3.11
C SER A 261 20.23 3.99 -4.42
N PHE A 262 18.97 4.39 -4.30
CA PHE A 262 18.22 4.94 -5.42
C PHE A 262 17.51 6.19 -4.95
N THR A 263 17.70 7.29 -5.67
CA THR A 263 17.08 8.57 -5.32
C THR A 263 15.96 8.88 -6.29
N PHE A 264 14.82 9.33 -5.80
CA PHE A 264 13.79 9.86 -6.67
C PHE A 264 13.44 11.29 -6.33
N GLY A 265 13.07 12.05 -7.35
CA GLY A 265 12.75 13.46 -7.18
C GLY A 265 11.28 13.72 -6.88
N VAL A 266 11.06 14.69 -5.99
CA VAL A 266 9.73 15.21 -5.69
C VAL A 266 9.90 16.71 -5.81
N GLY A 267 9.43 17.29 -6.91
CA GLY A 267 9.79 18.65 -7.22
C GLY A 267 11.29 18.81 -7.16
N SER A 268 11.76 19.83 -6.46
CA SER A 268 13.19 20.07 -6.32
C SER A 268 13.81 19.26 -5.16
N ALA A 269 12.96 18.51 -4.45
CA ALA A 269 13.42 17.71 -3.32
C ALA A 269 13.80 16.31 -3.79
N ARG A 270 14.50 15.59 -2.91
CA ARG A 270 15.05 14.27 -3.22
C ARG A 270 14.78 13.32 -2.06
N ILE A 271 14.28 12.13 -2.39
CA ILE A 271 14.10 11.05 -1.43
C ILE A 271 15.07 9.93 -1.77
N VAL A 272 15.89 9.55 -0.79
CA VAL A 272 16.92 8.52 -0.98
C VAL A 272 16.48 7.21 -0.35
N ILE A 273 16.39 6.20 -1.21
CA ILE A 273 16.10 4.84 -0.78
C ILE A 273 17.44 4.13 -0.57
N PRO A 274 17.78 3.76 0.68
CA PRO A 274 19.05 3.04 0.91
C PRO A 274 19.08 1.72 0.17
N GLY A 275 20.27 1.31 -0.22
CA GLY A 275 20.45 0.05 -0.93
C GLY A 275 19.82 -1.15 -0.25
N ASP A 276 19.89 -1.24 1.07
N ASP A 276 19.93 -1.21 1.08
CA ASP A 276 19.36 -2.45 1.71
CA ASP A 276 19.38 -2.32 1.84
C ASP A 276 17.83 -2.52 1.69
C ASP A 276 17.87 -2.51 1.59
N TYR A 277 17.16 -1.41 1.35
CA TYR A 277 15.69 -1.46 1.17
C TYR A 277 15.34 -2.20 -0.12
N ILE A 278 16.31 -2.35 -1.01
CA ILE A 278 16.09 -2.91 -2.34
C ILE A 278 16.40 -4.41 -2.38
N ASP A 279 16.83 -4.96 -1.23
CA ASP A 279 17.14 -6.39 -1.11
C ASP A 279 15.91 -7.17 -0.64
N PHE A 280 15.39 -8.06 -1.49
CA PHE A 280 14.26 -8.92 -1.11
C PHE A 280 14.65 -10.38 -0.93
N GLY A 281 15.94 -10.60 -0.77
CA GLY A 281 16.44 -11.88 -0.28
C GLY A 281 16.48 -12.97 -1.32
N PRO A 282 16.89 -14.16 -0.89
CA PRO A 282 17.03 -15.30 -1.82
C PRO A 282 15.75 -15.60 -2.58
N ILE A 283 15.89 -15.96 -3.85
CA ILE A 283 14.71 -16.21 -4.69
C ILE A 283 13.97 -17.45 -4.20
N SER A 284 14.71 -18.36 -3.59
CA SER A 284 14.18 -19.57 -2.96
C SER A 284 15.09 -19.83 -1.78
N THR A 285 14.58 -20.56 -0.80
CA THR A 285 15.33 -20.80 0.41
C THR A 285 16.73 -21.37 0.13
N GLY A 286 17.74 -20.70 0.64
CA GLY A 286 19.12 -21.13 0.49
C GLY A 286 19.81 -20.71 -0.80
N SER A 287 19.10 -20.07 -1.72
CA SER A 287 19.70 -19.64 -2.95
C SER A 287 20.68 -18.51 -2.74
N SER A 288 21.72 -18.45 -3.56
CA SER A 288 22.61 -17.29 -3.59
C SER A 288 22.21 -16.23 -4.61
N SER A 289 21.06 -16.42 -5.26
CA SER A 289 20.48 -15.38 -6.10
CA SER A 289 20.47 -15.40 -6.11
C SER A 289 19.38 -14.69 -5.31
N CYS A 290 19.45 -13.36 -5.29
CA CYS A 290 18.52 -12.56 -4.50
C CYS A 290 17.61 -11.74 -5.41
N PHE A 291 16.41 -11.45 -4.94
CA PHE A 291 15.42 -10.75 -5.76
C PHE A 291 15.46 -9.25 -5.51
N GLY A 292 15.44 -8.50 -6.59
CA GLY A 292 15.53 -7.06 -6.50
C GLY A 292 14.24 -6.35 -6.14
N GLY A 293 14.39 -5.23 -5.43
CA GLY A 293 13.24 -4.46 -4.99
C GLY A 293 12.83 -3.34 -5.93
N ILE A 294 13.61 -3.14 -6.99
CA ILE A 294 13.27 -2.25 -8.09
C ILE A 294 13.10 -3.12 -9.32
N GLN A 295 11.95 -3.00 -9.95
CA GLN A 295 11.60 -3.88 -11.07
C GLN A 295 10.96 -3.05 -12.17
N SER A 296 10.95 -3.58 -13.39
CA SER A 296 10.36 -2.88 -14.50
C SER A 296 8.84 -2.85 -14.44
N SER A 297 8.28 -1.70 -14.77
CA SER A 297 6.83 -1.54 -14.89
C SER A 297 6.34 -1.87 -16.28
N ALA A 298 7.22 -2.27 -17.19
CA ALA A 298 6.80 -2.52 -18.56
C ALA A 298 5.81 -3.69 -18.57
N GLY A 299 4.64 -3.47 -19.16
CA GLY A 299 3.60 -4.48 -19.13
C GLY A 299 2.56 -4.28 -18.04
N ILE A 300 2.84 -3.45 -17.04
CA ILE A 300 1.85 -3.13 -16.01
C ILE A 300 0.94 -2.02 -16.49
N GLY A 301 1.51 -1.09 -17.25
CA GLY A 301 0.76 0.04 -17.76
C GLY A 301 0.82 1.29 -16.90
N ILE A 302 1.51 1.21 -15.75
CA ILE A 302 1.67 2.36 -14.89
C ILE A 302 2.90 2.12 -14.01
N ASN A 303 3.61 3.19 -13.67
CA ASN A 303 4.70 3.07 -12.71
C ASN A 303 4.12 3.08 -11.30
N ILE A 304 4.76 2.35 -10.40
CA ILE A 304 4.24 2.21 -9.04
C ILE A 304 5.32 2.49 -8.00
N PHE A 305 5.10 3.57 -7.24
CA PHE A 305 5.91 3.86 -6.06
C PHE A 305 5.30 3.08 -4.90
N GLY A 306 5.73 1.83 -4.78
CA GLY A 306 5.28 0.93 -3.73
C GLY A 306 6.08 1.11 -2.47
N ASP A 307 5.98 0.12 -1.58
CA ASP A 307 6.55 0.27 -0.24
C ASP A 307 8.06 0.54 -0.24
N VAL A 308 8.81 -0.07 -1.15
CA VAL A 308 10.25 0.19 -1.25
C VAL A 308 10.56 1.69 -1.31
N ALA A 309 9.78 2.43 -2.08
CA ALA A 309 9.94 3.87 -2.18
C ALA A 309 9.28 4.58 -1.00
N LEU A 310 8.03 4.24 -0.70
CA LEU A 310 7.29 5.00 0.30
C LEU A 310 7.91 4.88 1.69
N LYS A 311 8.50 3.74 2.05
CA LYS A 311 9.02 3.56 3.39
CA LYS A 311 9.02 3.58 3.40
C LYS A 311 10.28 4.42 3.65
N ALA A 312 10.86 4.96 2.57
CA ALA A 312 11.97 5.88 2.69
C ALA A 312 11.51 7.31 3.05
N ALA A 313 10.19 7.53 3.12
CA ALA A 313 9.65 8.88 3.30
C ALA A 313 8.55 8.89 4.32
N PHE A 314 8.25 10.10 4.78
CA PHE A 314 6.99 10.41 5.42
C PHE A 314 6.09 10.95 4.31
N VAL A 315 4.92 10.33 4.11
CA VAL A 315 4.09 10.63 2.94
C VAL A 315 2.71 11.13 3.38
N VAL A 316 2.34 12.29 2.85
CA VAL A 316 1.07 12.93 3.16
C VAL A 316 0.14 12.72 1.96
N PHE A 317 -1.00 12.10 2.23
CA PHE A 317 -2.07 11.94 1.25
C PHE A 317 -3.10 13.03 1.59
N ASN A 318 -3.02 14.13 0.86
CA ASN A 318 -3.88 15.29 1.10
C ASN A 318 -5.16 15.20 0.28
N GLY A 319 -6.27 14.94 0.97
CA GLY A 319 -7.57 14.79 0.34
C GLY A 319 -8.43 16.04 0.36
N ALA A 320 -7.78 17.19 0.36
CA ALA A 320 -8.47 18.46 0.16
C ALA A 320 -9.15 18.46 -1.21
N THR A 321 -9.96 19.49 -1.46
CA THR A 321 -10.73 19.57 -2.69
C THR A 321 -9.89 19.34 -3.93
N THR A 322 -8.69 19.91 -3.96
CA THR A 322 -7.69 19.57 -4.95
C THR A 322 -6.65 18.69 -4.24
N PRO A 323 -6.70 17.37 -4.48
CA PRO A 323 -5.74 16.55 -3.73
C PRO A 323 -4.29 16.75 -4.15
N THR A 324 -3.38 16.54 -3.22
CA THR A 324 -1.96 16.56 -3.49
C THR A 324 -1.27 15.49 -2.66
N LEU A 325 0.00 15.26 -2.95
CA LEU A 325 0.85 14.33 -2.20
C LEU A 325 2.03 15.12 -1.66
N GLY A 326 2.41 14.85 -0.40
CA GLY A 326 3.60 15.41 0.18
C GLY A 326 4.61 14.35 0.57
N PHE A 327 5.89 14.64 0.35
CA PHE A 327 6.97 13.75 0.75
C PHE A 327 8.00 14.50 1.58
N ALA A 328 8.40 13.91 2.70
CA ALA A 328 9.52 14.40 3.49
C ALA A 328 10.46 13.26 3.80
N SER A 329 11.73 13.60 3.98
CA SER A 329 12.69 12.64 4.49
CA SER A 329 12.70 12.66 4.50
C SER A 329 12.41 12.41 5.97
N LYS A 330 12.99 11.37 6.54
CA LYS A 330 12.73 11.05 7.95
C LYS A 330 13.87 10.26 8.54
C1 GOL B . 9.46 -5.74 -22.59
O1 GOL B . 10.59 -6.59 -22.60
C2 GOL B . 8.23 -6.46 -22.03
O2 GOL B . 8.58 -7.21 -20.89
C3 GOL B . 7.23 -5.41 -21.57
O3 GOL B . 5.92 -5.89 -21.78
C1 GOL C . 16.30 6.56 4.82
O1 GOL C . 17.32 7.07 5.65
C2 GOL C . 15.65 7.70 4.01
O2 GOL C . 16.61 8.35 3.20
C3 GOL C . 15.02 8.70 4.98
O3 GOL C . 14.33 9.72 4.27
C1 GOL D . 13.27 8.30 -20.96
O1 GOL D . 14.15 9.34 -20.61
C2 GOL D . 13.51 7.09 -20.06
O2 GOL D . 12.43 6.18 -20.14
C3 GOL D . 13.68 7.54 -18.61
O3 GOL D . 14.75 8.47 -18.53
C1 GOL E . 4.94 1.79 -18.91
O1 GOL E . 3.93 1.93 -17.95
C2 GOL E . 6.22 1.80 -18.10
O2 GOL E . 6.96 0.63 -18.34
C3 GOL E . 7.05 3.00 -18.46
O3 GOL E . 7.54 2.79 -19.75
C1 GOL F . 33.52 -4.84 -2.11
O1 GOL F . 33.43 -3.46 -1.89
C2 GOL F . 32.14 -5.39 -2.45
O2 GOL F . 31.62 -4.73 -3.58
C3 GOL F . 31.19 -5.16 -1.29
O3 GOL F . 30.02 -5.91 -1.54
C1 GOL G . 22.85 7.82 -12.48
O1 GOL G . 22.62 8.54 -11.29
C2 GOL G . 21.50 7.49 -13.09
O2 GOL G . 21.72 6.66 -14.21
C3 GOL G . 20.84 8.78 -13.53
O3 GOL G . 21.72 9.42 -14.44
C ACT H . 20.34 -11.37 1.40
O ACT H . 20.38 -12.59 1.65
OXT ACT H . 19.25 -10.82 1.64
CH3 ACT H . 21.53 -10.60 0.85
C ACT I . 0.34 14.26 -12.68
O ACT I . 0.58 13.04 -12.54
OXT ACT I . -0.25 14.58 -13.71
CH3 ACT I . 0.69 15.29 -11.66
C ACT J . 2.49 -14.97 5.63
O ACT J . 3.35 -14.08 5.79
OXT ACT J . 1.53 -14.91 6.41
CH3 ACT J . 2.60 -16.03 4.58
S DMS K . 22.18 -5.23 0.65
O DMS K . 22.82 -4.07 -0.05
C1 DMS K . 22.21 -6.69 -0.42
C2 DMS K . 23.42 -5.82 1.83
S DMS L . 2.23 -7.19 -4.21
O DMS L . 3.03 -5.98 -4.54
C1 DMS L . 3.20 -8.73 -4.20
C2 DMS L . 1.69 -7.05 -2.48
S DMS M . -0.29 4.50 18.44
O DMS M . -1.14 3.29 18.33
C1 DMS M . 1.33 4.06 19.12
C2 DMS M . 0.22 5.03 16.78
S DMS N . 9.11 4.44 11.05
O DMS N . 9.99 5.29 10.22
C1 DMS N . 10.02 2.94 11.52
C2 DMS N . 8.98 5.18 12.71
S DMS O . 21.53 -5.40 -16.22
O DMS O . 20.74 -4.31 -16.87
C1 DMS O . 21.48 -6.89 -17.27
C2 DMS O . 23.27 -4.94 -16.45
S DMS P . -3.19 -16.00 -6.89
O DMS P . -4.05 -15.43 -5.81
C1 DMS P . -4.28 -16.46 -8.26
C2 DMS P . -2.26 -14.64 -7.67
C1 46J Q . -2.55 -2.83 -6.90
C2 46J Q . -2.23 -4.23 -6.38
N1 46J Q . -3.28 -1.90 -9.03
C3 46J Q . -1.46 -4.18 -5.08
O 46J Q . -4.14 -3.85 -8.35
C 46J Q . -3.39 -2.91 -8.15
C10 46J Q . -4.02 -1.86 -10.29
C9 46J Q . -3.05 -1.95 -11.45
C8 46J Q . -2.00 -0.84 -11.36
C7 46J Q . -1.33 -0.82 -9.99
C6 46J Q . -2.36 -0.76 -8.89
C5 46J Q . -3.30 -2.02 -5.81
N 46J Q . -2.46 -1.99 -4.56
C4 46J Q . -2.20 -3.36 -4.05
C4 46H R . 4.39 -9.04 -13.47
C5 46H R . 2.87 -9.30 -11.54
C6 46H R . 2.65 -5.12 -10.23
N1 46H R . 2.72 -6.30 -9.37
C7 46H R . 1.28 -4.47 -10.13
C8 46H R . 0.93 -4.15 -8.69
C9 46H R . 1.05 -5.38 -7.82
C10 46H R . 2.44 -5.99 -7.96
O 46H R . 2.90 -8.49 -8.93
C 46H R . 2.94 -7.57 -9.74
C1 46H R . 3.25 -7.85 -11.19
N 46H R . 3.12 -9.64 -12.97
C3 46H R . 5.31 -8.72 -12.33
C2 46H R . 4.73 -7.62 -11.45
C6 46H S . 9.13 -13.98 -6.32
N1 46H S . 9.17 -13.57 -4.91
C7 46H S . 10.48 -13.77 -6.97
C8 46H S . 11.56 -14.49 -6.20
C9 46H S . 11.55 -14.08 -4.74
C10 46H S . 10.18 -14.28 -4.13
O 46H S . 7.59 -11.99 -5.13
C 46H S . 8.35 -12.62 -4.42
#